data_5HHN
#
_entry.id   5HHN
#
_cell.length_a   53.773
_cell.length_b   80.202
_cell.length_c   57.445
_cell.angle_alpha   90.000
_cell.angle_beta   114.180
_cell.angle_gamma   90.000
#
_symmetry.space_group_name_H-M   'P 1 21 1'
#
loop_
_entity.id
_entity.type
_entity.pdbx_description
1 polymer 'HLA class I histocompatibility antigen, A-2 alpha chain'
2 polymer Beta-2-microglobulin
3 polymer 'M1-F5L, GILGLVFTL'
4 water water
#
loop_
_entity_poly.entity_id
_entity_poly.type
_entity_poly.pdbx_seq_one_letter_code
_entity_poly.pdbx_strand_id
1 'polypeptide(L)'
;GSHSMRYFFTSVSRPGRGEPRFIAVGYVDDTQFVRFDSDAASQRMEPRAPWIEQEGPEYWDGETRKVKAHSQTHRVDLGT
LRGYYNQSEAGSHTVQRMYGCDVGSDWRFLRGYHQYAYDGKDYIALKEDLRSWTAADMAAQTTKHKWEAAHVAEQLRAYL
EGTCVEWLRRYLENGKETLQRTDAPKTHMTHHAVSDHEATLRCWALSFYPAEITLTWQRDGEDQTQDTELVETRPAGDGT
FQKWVAVVVPSGQEQRYTCHVQHEGLPKPLTLRW
;
A
2 'polypeptide(L)'
;MIQRTPKIQVYSRHPAENGKSNFLNCYVSGFHPSDIEVDLLKNGERIEKVEHSDLSFSKDWSFYLLYYTEFTPTEKDEYA
CRVNHVTLSQPKIVKWDRDM
;
B
3 'polypeptide(L)' GILGLVFTL C
#
# COMPACT_ATOMS: atom_id res chain seq x y z
N GLY A 1 -7.08 -4.49 -20.04
CA GLY A 1 -6.27 -4.13 -18.87
C GLY A 1 -6.53 -2.72 -18.35
N SER A 2 -7.26 -2.64 -17.23
CA SER A 2 -7.60 -1.36 -16.56
C SER A 2 -6.36 -0.70 -15.89
N HIS A 3 -6.41 0.63 -15.73
CA HIS A 3 -5.29 1.36 -15.10
C HIS A 3 -5.81 2.42 -14.14
N SER A 4 -4.98 2.86 -13.20
CA SER A 4 -5.41 3.88 -12.27
C SER A 4 -4.27 4.77 -11.91
N MET A 5 -4.61 6.00 -11.54
CA MET A 5 -3.66 6.94 -10.97
C MET A 5 -4.26 7.38 -9.64
N ARG A 6 -3.49 7.27 -8.55
CA ARG A 6 -3.97 7.65 -7.22
C ARG A 6 -2.90 8.37 -6.45
N TYR A 7 -3.34 9.35 -5.67
CA TYR A 7 -2.46 10.10 -4.79
C TYR A 7 -2.96 9.90 -3.36
N PHE A 8 -2.02 9.69 -2.44
CA PHE A 8 -2.31 9.45 -1.01
C PHE A 8 -1.61 10.52 -0.17
N PHE A 9 -2.34 11.16 0.72
CA PHE A 9 -1.79 12.24 1.55
C PHE A 9 -2.05 11.94 3.02
N THR A 10 -1.03 12.06 3.87
CA THR A 10 -1.21 11.88 5.33
C THR A 10 -0.62 13.07 6.02
N SER A 11 -1.32 13.66 6.98
CA SER A 11 -0.77 14.75 7.80
C SER A 11 -1.01 14.33 9.22
N VAL A 12 0.02 14.44 10.05
CA VAL A 12 -0.04 14.05 11.46
C VAL A 12 0.36 15.26 12.31
N SER A 13 -0.55 15.78 13.13
CA SER A 13 -0.17 16.94 13.96
C SER A 13 0.89 16.58 15.00
N ARG A 14 1.70 17.57 15.34
CA ARG A 14 2.81 17.44 16.29
C ARG A 14 2.56 18.43 17.39
N PRO A 15 1.87 17.95 18.45
CA PRO A 15 1.56 18.86 19.56
C PRO A 15 2.83 19.17 20.33
N GLY A 16 2.95 20.41 20.73
CA GLY A 16 4.10 20.83 21.49
C GLY A 16 4.96 21.77 20.70
N ARG A 17 5.12 21.51 19.36
CA ARG A 17 5.94 22.35 18.49
C ARG A 17 5.83 22.08 16.99
N GLY A 18 5.61 23.14 16.23
CA GLY A 18 5.66 23.14 14.76
C GLY A 18 4.49 22.56 14.02
N GLU A 19 4.63 22.59 12.70
CA GLU A 19 3.66 22.14 11.70
C GLU A 19 3.54 20.61 11.64
N PRO A 20 2.41 20.08 11.09
CA PRO A 20 2.28 18.63 11.00
C PRO A 20 3.31 17.92 10.11
N ARG A 21 3.54 16.64 10.35
CA ARG A 21 4.35 15.79 9.47
C ARG A 21 3.41 15.46 8.27
N PHE A 22 3.78 15.87 7.05
CA PHE A 22 3.02 15.66 5.81
C PHE A 22 3.79 14.72 4.85
N ILE A 23 3.13 13.64 4.42
CA ILE A 23 3.67 12.68 3.45
C ILE A 23 2.68 12.51 2.31
N ALA A 24 3.14 12.73 1.09
CA ALA A 24 2.32 12.55 -0.10
C ALA A 24 3.01 11.51 -0.99
N VAL A 25 2.22 10.60 -1.58
CA VAL A 25 2.76 9.57 -2.51
C VAL A 25 1.84 9.46 -3.71
N GLY A 26 2.43 9.30 -4.88
CA GLY A 26 1.64 9.14 -6.11
C GLY A 26 1.88 7.78 -6.70
N TYR A 27 0.82 7.14 -7.23
CA TYR A 27 0.87 5.82 -7.85
C TYR A 27 0.22 5.78 -9.19
N VAL A 28 0.79 4.97 -10.07
CA VAL A 28 0.18 4.56 -11.33
C VAL A 28 0.09 3.08 -11.12
N ASP A 29 -1.14 2.54 -11.08
CA ASP A 29 -1.42 1.14 -10.76
C ASP A 29 -0.76 0.80 -9.40
N ASP A 30 0.15 -0.20 -9.35
CA ASP A 30 0.87 -0.58 -8.12
C ASP A 30 2.30 -0.02 -8.09
N THR A 31 2.59 0.98 -8.92
CA THR A 31 3.93 1.57 -8.99
C THR A 31 3.90 2.99 -8.46
N GLN A 32 4.68 3.22 -7.39
CA GLN A 32 4.86 4.55 -6.83
C GLN A 32 5.78 5.35 -7.77
N PHE A 33 5.40 6.57 -8.08
CA PHE A 33 6.22 7.35 -9.00
C PHE A 33 6.74 8.67 -8.44
N VAL A 34 6.03 9.23 -7.44
CA VAL A 34 6.38 10.50 -6.80
C VAL A 34 6.20 10.44 -5.30
N ARG A 35 6.91 11.32 -4.62
CA ARG A 35 6.78 11.47 -3.19
C ARG A 35 7.15 12.90 -2.73
N PHE A 36 6.58 13.28 -1.62
CA PHE A 36 6.92 14.49 -0.89
C PHE A 36 6.90 14.10 0.57
N ASP A 37 7.98 14.45 1.28
CA ASP A 37 8.05 14.25 2.72
C ASP A 37 8.48 15.56 3.32
N SER A 38 7.63 16.17 4.16
CA SER A 38 7.93 17.44 4.87
C SER A 38 9.23 17.35 5.70
N ASP A 39 9.56 16.17 6.25
CA ASP A 39 10.78 16.00 7.05
C ASP A 39 12.07 15.92 6.17
N ALA A 40 11.92 15.69 4.85
CA ALA A 40 13.06 15.64 3.92
C ALA A 40 13.66 17.03 3.63
N ALA A 41 14.97 17.05 3.32
CA ALA A 41 15.75 18.27 3.05
C ALA A 41 15.37 19.05 1.78
N SER A 42 15.04 18.36 0.68
CA SER A 42 14.73 19.00 -0.60
C SER A 42 13.56 19.98 -0.58
N GLN A 43 12.43 19.60 0.07
CA GLN A 43 11.20 20.38 0.06
C GLN A 43 10.66 20.46 -1.40
N ARG A 44 10.92 19.40 -2.17
CA ARG A 44 10.46 19.24 -3.55
C ARG A 44 9.65 17.96 -3.70
N MET A 45 8.72 17.92 -4.67
CA MET A 45 8.07 16.68 -5.09
C MET A 45 9.24 15.94 -5.76
N GLU A 46 9.52 14.71 -5.32
CA GLU A 46 10.67 13.92 -5.79
C GLU A 46 10.28 12.71 -6.70
N PRO A 47 11.14 12.38 -7.70
CA PRO A 47 10.84 11.22 -8.56
C PRO A 47 11.07 9.88 -7.86
N ARG A 48 10.23 8.89 -8.09
CA ARG A 48 10.37 7.55 -7.47
C ARG A 48 10.29 6.42 -8.51
N ALA A 49 10.19 6.76 -9.80
CA ALA A 49 10.19 5.80 -10.90
C ALA A 49 11.07 6.42 -12.02
N PRO A 50 11.85 5.63 -12.79
CA PRO A 50 12.72 6.24 -13.81
C PRO A 50 11.97 7.05 -14.88
N TRP A 51 10.81 6.53 -15.34
CA TRP A 51 9.98 7.12 -16.38
C TRP A 51 9.39 8.51 -16.06
N ILE A 52 9.34 8.91 -14.78
CA ILE A 52 8.86 10.27 -14.40
C ILE A 52 10.04 11.28 -14.43
N GLU A 53 11.29 10.79 -14.39
CA GLU A 53 12.49 11.64 -14.47
C GLU A 53 12.63 12.33 -15.83
N GLN A 54 11.87 11.86 -16.85
CA GLN A 54 11.73 12.45 -18.19
C GLN A 54 11.07 13.85 -18.09
N GLU A 55 10.29 14.08 -17.01
CA GLU A 55 9.63 15.38 -16.82
C GLU A 55 10.65 16.48 -16.52
N GLY A 56 10.42 17.64 -17.13
CA GLY A 56 11.29 18.79 -17.00
C GLY A 56 11.07 19.64 -15.75
N PRO A 57 11.95 20.65 -15.54
CA PRO A 57 11.84 21.53 -14.36
C PRO A 57 10.47 22.17 -14.12
N GLU A 58 9.71 22.46 -15.20
CA GLU A 58 8.37 23.06 -15.13
CA GLU A 58 8.37 23.06 -15.14
C GLU A 58 7.42 22.10 -14.40
N TYR A 59 7.56 20.78 -14.65
CA TYR A 59 6.73 19.77 -14.03
C TYR A 59 7.00 19.74 -12.53
N TRP A 60 8.29 19.64 -12.16
CA TRP A 60 8.74 19.57 -10.77
C TRP A 60 8.42 20.78 -9.94
N ASP A 61 8.51 21.98 -10.53
CA ASP A 61 8.15 23.25 -9.87
C ASP A 61 6.63 23.29 -9.61
N GLY A 62 5.87 22.89 -10.61
CA GLY A 62 4.41 22.83 -10.58
C GLY A 62 3.90 21.84 -9.55
N GLU A 63 4.48 20.63 -9.51
CA GLU A 63 4.09 19.61 -8.51
C GLU A 63 4.50 20.02 -7.10
N THR A 64 5.64 20.69 -6.96
CA THR A 64 6.12 21.13 -5.65
C THR A 64 5.21 22.20 -5.05
N ARG A 65 4.83 23.20 -5.89
CA ARG A 65 3.96 24.30 -5.49
CA ARG A 65 3.95 24.32 -5.54
C ARG A 65 2.61 23.74 -5.04
N LYS A 66 2.00 22.85 -5.84
CA LYS A 66 0.72 22.21 -5.56
C LYS A 66 0.78 21.35 -4.32
N VAL A 67 1.86 20.56 -4.16
CA VAL A 67 1.96 19.68 -2.99
C VAL A 67 2.12 20.46 -1.70
N LYS A 68 2.79 21.63 -1.77
CA LYS A 68 2.97 22.48 -0.60
C LYS A 68 1.61 23.10 -0.20
N ALA A 69 0.75 23.47 -1.19
CA ALA A 69 -0.59 23.98 -0.93
C ALA A 69 -1.45 22.86 -0.35
N HIS A 70 -1.24 21.59 -0.76
CA HIS A 70 -1.93 20.43 -0.16
C HIS A 70 -1.55 20.32 1.36
N SER A 71 -0.26 20.52 1.69
CA SER A 71 0.26 20.46 3.08
CA SER A 71 0.23 20.45 3.08
C SER A 71 -0.39 21.54 3.96
N GLN A 72 -0.53 22.75 3.43
CA GLN A 72 -1.12 23.89 4.13
C GLN A 72 -2.64 23.70 4.34
N THR A 73 -3.36 23.18 3.35
CA THR A 73 -4.78 22.82 3.46
C THR A 73 -5.01 21.82 4.61
N HIS A 74 -4.19 20.77 4.68
CA HIS A 74 -4.27 19.75 5.72
C HIS A 74 -3.92 20.29 7.12
N ARG A 75 -2.99 21.25 7.20
CA ARG A 75 -2.58 21.88 8.46
C ARG A 75 -3.83 22.67 8.96
N VAL A 76 -4.46 23.45 8.07
CA VAL A 76 -5.71 24.17 8.39
C VAL A 76 -6.82 23.15 8.75
N ASP A 77 -6.95 22.05 7.98
CA ASP A 77 -7.97 21.02 8.30
C ASP A 77 -7.84 20.41 9.67
N LEU A 78 -6.60 20.10 10.09
CA LEU A 78 -6.33 19.56 11.43
C LEU A 78 -6.81 20.50 12.55
N GLY A 79 -6.61 21.80 12.37
CA GLY A 79 -7.08 22.84 13.31
C GLY A 79 -8.59 22.91 13.34
N THR A 80 -9.22 22.95 12.15
CA THR A 80 -10.67 22.98 11.97
C THR A 80 -11.35 21.75 12.62
N LEU A 81 -10.82 20.54 12.33
CA LEU A 81 -11.36 19.28 12.87
C LEU A 81 -11.30 19.20 14.39
N ARG A 82 -10.21 19.72 14.95
CA ARG A 82 -9.98 19.77 16.39
C ARG A 82 -11.12 20.57 17.07
N GLY A 83 -11.51 21.68 16.42
CA GLY A 83 -12.62 22.54 16.83
C GLY A 83 -13.96 21.84 16.65
N TYR A 84 -14.21 21.20 15.48
CA TYR A 84 -15.47 20.47 15.21
C TYR A 84 -15.69 19.34 16.20
N TYR A 85 -14.62 18.62 16.57
CA TYR A 85 -14.69 17.51 17.52
C TYR A 85 -14.45 17.90 18.98
N ASN A 86 -14.26 19.21 19.26
CA ASN A 86 -14.02 19.76 20.61
C ASN A 86 -12.85 19.05 21.33
N GLN A 87 -11.76 18.78 20.61
CA GLN A 87 -10.58 18.10 21.17
C GLN A 87 -9.54 19.11 21.68
N SER A 88 -8.65 18.66 22.58
CA SER A 88 -7.61 19.54 23.11
C SER A 88 -6.45 19.66 22.12
N GLU A 89 -5.50 20.56 22.41
CA GLU A 89 -4.28 20.72 21.62
C GLU A 89 -3.22 19.68 22.06
N ALA A 90 -3.49 18.94 23.13
CA ALA A 90 -2.59 17.94 23.72
C ALA A 90 -2.30 16.67 22.87
N GLY A 91 -3.31 16.12 22.21
CA GLY A 91 -3.15 14.92 21.41
C GLY A 91 -2.76 15.17 19.96
N SER A 92 -2.12 14.16 19.37
CA SER A 92 -1.73 14.17 17.98
C SER A 92 -2.91 13.58 17.17
N HIS A 93 -3.24 14.19 16.01
CA HIS A 93 -4.36 13.70 15.20
C HIS A 93 -3.93 13.51 13.75
N THR A 94 -4.74 12.76 12.98
CA THR A 94 -4.38 12.47 11.60
C THR A 94 -5.49 12.79 10.64
N VAL A 95 -5.12 13.43 9.53
CA VAL A 95 -5.98 13.63 8.36
C VAL A 95 -5.35 12.82 7.17
N GLN A 96 -6.18 12.08 6.43
CA GLN A 96 -5.80 11.31 5.25
C GLN A 96 -6.71 11.68 4.11
N ARG A 97 -6.12 11.87 2.95
CA ARG A 97 -6.85 12.17 1.73
C ARG A 97 -6.36 11.23 0.65
N MET A 98 -7.28 10.74 -0.14
CA MET A 98 -6.95 9.92 -1.30
C MET A 98 -7.85 10.36 -2.43
N TYR A 99 -7.25 10.56 -3.61
CA TYR A 99 -8.01 10.84 -4.82
C TYR A 99 -7.35 10.25 -6.02
N GLY A 100 -8.10 10.20 -7.12
CA GLY A 100 -7.56 9.70 -8.37
C GLY A 100 -8.63 9.20 -9.32
N CYS A 101 -8.19 8.60 -10.40
CA CYS A 101 -9.06 8.13 -11.46
C CYS A 101 -8.64 6.75 -11.94
N ASP A 102 -9.63 5.98 -12.41
CA ASP A 102 -9.47 4.67 -13.04
C ASP A 102 -9.87 4.81 -14.52
N VAL A 103 -9.09 4.18 -15.39
CA VAL A 103 -9.41 4.06 -16.81
C VAL A 103 -9.57 2.59 -17.11
N GLY A 104 -10.41 2.26 -18.10
CA GLY A 104 -10.60 0.88 -18.51
C GLY A 104 -9.54 0.49 -19.51
N SER A 105 -9.74 -0.64 -20.21
CA SER A 105 -8.82 -1.16 -21.24
C SER A 105 -8.61 -0.19 -22.41
N ASP A 106 -9.57 0.71 -22.65
CA ASP A 106 -9.53 1.74 -23.69
C ASP A 106 -8.80 3.01 -23.27
N TRP A 107 -8.33 3.07 -21.99
CA TRP A 107 -7.63 4.20 -21.36
C TRP A 107 -8.54 5.41 -21.28
N ARG A 108 -9.82 5.16 -21.22
CA ARG A 108 -10.83 6.20 -21.10
C ARG A 108 -11.45 6.14 -19.69
N PHE A 109 -11.91 7.31 -19.21
CA PHE A 109 -12.52 7.50 -17.90
C PHE A 109 -13.55 6.45 -17.55
N LEU A 110 -13.30 5.79 -16.41
CA LEU A 110 -14.15 4.76 -15.84
C LEU A 110 -14.70 5.19 -14.48
N ARG A 111 -13.80 5.65 -13.56
CA ARG A 111 -14.22 6.05 -12.21
C ARG A 111 -13.29 7.11 -11.68
N GLY A 112 -13.85 7.99 -10.84
CA GLY A 112 -13.14 9.07 -10.15
C GLY A 112 -13.42 8.96 -8.67
N TYR A 113 -12.46 9.39 -7.82
CA TYR A 113 -12.64 9.32 -6.36
C TYR A 113 -11.87 10.41 -5.63
N HIS A 114 -12.44 10.88 -4.51
CA HIS A 114 -11.89 11.93 -3.66
C HIS A 114 -12.47 11.75 -2.25
N GLN A 115 -11.69 11.13 -1.35
CA GLN A 115 -12.17 10.86 0.00
C GLN A 115 -11.20 11.32 1.06
N TYR A 116 -11.74 11.50 2.26
CA TYR A 116 -11.03 12.05 3.40
C TYR A 116 -11.37 11.30 4.68
N ALA A 117 -10.35 11.12 5.54
CA ALA A 117 -10.53 10.48 6.84
C ALA A 117 -9.88 11.32 7.90
N TYR A 118 -10.45 11.29 9.10
CA TYR A 118 -9.90 11.98 10.30
C TYR A 118 -9.74 10.91 11.36
N ASP A 119 -8.53 10.75 11.87
CA ASP A 119 -8.18 9.71 12.84
C ASP A 119 -8.51 8.28 12.40
N GLY A 120 -8.38 8.00 11.11
CA GLY A 120 -8.61 6.66 10.58
C GLY A 120 -10.07 6.28 10.35
N LYS A 121 -11.00 7.25 10.48
CA LYS A 121 -12.43 7.07 10.25
C LYS A 121 -12.89 7.89 9.05
N ASP A 122 -13.82 7.35 8.23
CA ASP A 122 -14.39 8.10 7.10
C ASP A 122 -14.91 9.42 7.62
N TYR A 123 -14.62 10.49 6.86
CA TYR A 123 -15.09 11.81 7.22
C TYR A 123 -16.05 12.25 6.10
N ILE A 124 -15.50 12.51 4.89
CA ILE A 124 -16.25 12.92 3.70
C ILE A 124 -15.68 12.29 2.40
N ALA A 125 -16.58 11.83 1.51
CA ALA A 125 -16.21 11.22 0.25
C ALA A 125 -17.14 11.65 -0.87
N LEU A 126 -16.55 11.94 -2.04
CA LEU A 126 -17.29 12.29 -3.26
C LEU A 126 -17.97 10.99 -3.69
N LYS A 127 -19.26 11.06 -4.05
CA LYS A 127 -20.00 9.87 -4.48
C LYS A 127 -19.56 9.49 -5.89
N GLU A 128 -19.91 8.27 -6.34
CA GLU A 128 -19.57 7.71 -7.67
C GLU A 128 -19.92 8.62 -8.85
N ASP A 129 -21.06 9.35 -8.75
CA ASP A 129 -21.52 10.27 -9.78
C ASP A 129 -20.66 11.52 -9.90
N LEU A 130 -19.79 11.78 -8.89
CA LEU A 130 -18.91 12.95 -8.77
C LEU A 130 -19.73 14.21 -8.63
N ARG A 131 -20.96 14.09 -8.10
CA ARG A 131 -21.87 15.23 -7.99
C ARG A 131 -22.32 15.56 -6.57
N SER A 132 -22.29 14.54 -5.70
CA SER A 132 -22.74 14.61 -4.30
C SER A 132 -21.68 14.06 -3.35
N TRP A 133 -21.89 14.31 -2.04
CA TRP A 133 -21.00 13.94 -0.96
C TRP A 133 -21.61 13.00 0.10
N THR A 134 -20.80 12.07 0.60
CA THR A 134 -21.17 11.19 1.72
C THR A 134 -20.42 11.75 2.91
N ALA A 135 -21.15 12.36 3.86
CA ALA A 135 -20.64 12.95 5.10
C ALA A 135 -21.00 11.95 6.17
N ALA A 136 -20.01 11.37 6.85
CA ALA A 136 -20.23 10.31 7.86
C ALA A 136 -20.91 10.77 9.16
N ASP A 137 -20.64 12.00 9.59
CA ASP A 137 -21.22 12.55 10.80
C ASP A 137 -21.63 14.03 10.63
N MET A 138 -22.08 14.67 11.71
CA MET A 138 -22.55 16.06 11.68
C MET A 138 -21.46 17.07 11.42
N ALA A 139 -20.20 16.78 11.87
CA ALA A 139 -19.01 17.62 11.60
C ALA A 139 -18.74 17.58 10.10
N ALA A 140 -18.82 16.39 9.49
CA ALA A 140 -18.62 16.18 8.05
C ALA A 140 -19.76 16.86 7.25
N GLN A 141 -21.01 16.88 7.81
CA GLN A 141 -22.18 17.51 7.20
CA GLN A 141 -22.14 17.52 7.14
C GLN A 141 -21.97 19.04 7.03
N THR A 142 -21.23 19.65 7.96
CA THR A 142 -20.91 21.08 7.90
C THR A 142 -19.95 21.31 6.73
N THR A 143 -18.96 20.42 6.56
CA THR A 143 -18.02 20.50 5.43
C THR A 143 -18.82 20.29 4.15
N LYS A 144 -19.77 19.32 4.14
CA LYS A 144 -20.60 19.07 2.95
C LYS A 144 -21.38 20.34 2.50
N HIS A 145 -22.00 21.07 3.46
CA HIS A 145 -22.79 22.26 3.14
C HIS A 145 -21.88 23.32 2.52
N LYS A 146 -20.70 23.55 3.12
CA LYS A 146 -19.69 24.50 2.67
C LYS A 146 -19.26 24.18 1.23
N TRP A 147 -18.94 22.91 0.95
CA TRP A 147 -18.49 22.46 -0.36
C TRP A 147 -19.58 22.50 -1.44
N GLU A 148 -20.86 22.29 -1.06
CA GLU A 148 -21.99 22.40 -2.00
C GLU A 148 -22.18 23.86 -2.41
N ALA A 149 -22.17 24.76 -1.41
CA ALA A 149 -22.27 26.22 -1.61
C ALA A 149 -21.14 26.75 -2.52
N ALA A 150 -19.90 26.21 -2.36
CA ALA A 150 -18.72 26.62 -3.16
C ALA A 150 -18.50 25.82 -4.45
N HIS A 151 -19.45 24.93 -4.82
CA HIS A 151 -19.42 24.08 -6.03
C HIS A 151 -18.10 23.30 -6.20
N VAL A 152 -17.61 22.70 -5.10
CA VAL A 152 -16.35 21.94 -5.04
C VAL A 152 -16.45 20.72 -5.95
N ALA A 153 -17.55 19.95 -5.85
CA ALA A 153 -17.73 18.74 -6.66
C ALA A 153 -17.48 18.96 -8.15
N GLU A 154 -17.99 20.07 -8.71
CA GLU A 154 -17.86 20.44 -10.13
C GLU A 154 -16.44 20.67 -10.57
N GLN A 155 -15.63 21.27 -9.71
CA GLN A 155 -14.22 21.54 -10.01
C GLN A 155 -13.38 20.27 -9.91
N LEU A 156 -13.80 19.36 -9.01
CA LEU A 156 -13.16 18.08 -8.79
C LEU A 156 -13.46 17.16 -9.95
N ARG A 157 -14.74 17.09 -10.35
CA ARG A 157 -15.19 16.30 -11.48
C ARG A 157 -14.38 16.67 -12.74
N ALA A 158 -14.05 17.98 -12.93
CA ALA A 158 -13.28 18.42 -14.07
C ALA A 158 -11.85 17.84 -14.08
N TYR A 159 -11.17 17.80 -12.92
CA TYR A 159 -9.85 17.23 -12.79
C TYR A 159 -9.92 15.70 -12.96
N LEU A 160 -10.84 15.05 -12.24
CA LEU A 160 -11.00 13.59 -12.20
C LEU A 160 -11.32 12.94 -13.51
N GLU A 161 -12.21 13.57 -14.29
CA GLU A 161 -12.64 13.06 -15.60
C GLU A 161 -11.74 13.54 -16.71
N GLY A 162 -11.02 14.65 -16.47
CA GLY A 162 -10.20 15.33 -17.45
C GLY A 162 -8.71 15.22 -17.27
N THR A 163 -8.15 16.13 -16.46
CA THR A 163 -6.73 16.29 -16.17
C THR A 163 -6.06 15.01 -15.68
N CYS A 164 -6.70 14.33 -14.70
CA CYS A 164 -6.22 13.11 -14.09
C CYS A 164 -5.98 12.04 -15.18
N VAL A 165 -7.00 11.85 -16.05
CA VAL A 165 -6.99 10.92 -17.17
C VAL A 165 -5.88 11.25 -18.20
N GLU A 166 -5.67 12.55 -18.48
CA GLU A 166 -4.66 12.95 -19.44
C GLU A 166 -3.27 12.64 -18.90
N TRP A 167 -3.02 12.91 -17.59
CA TRP A 167 -1.72 12.61 -16.98
C TRP A 167 -1.47 11.10 -16.99
N LEU A 168 -2.48 10.31 -16.62
CA LEU A 168 -2.38 8.85 -16.61
C LEU A 168 -1.97 8.32 -17.99
N ARG A 169 -2.67 8.77 -19.06
CA ARG A 169 -2.38 8.36 -20.43
CA ARG A 169 -2.41 8.41 -20.46
C ARG A 169 -0.95 8.71 -20.82
N ARG A 170 -0.46 9.86 -20.36
CA ARG A 170 0.90 10.33 -20.60
C ARG A 170 1.89 9.45 -19.86
N TYR A 171 1.59 9.18 -18.56
CA TYR A 171 2.48 8.34 -17.76
C TYR A 171 2.55 6.92 -18.31
N LEU A 172 1.40 6.35 -18.73
CA LEU A 172 1.32 5.01 -19.34
C LEU A 172 2.20 4.88 -20.61
N GLU A 173 2.28 5.96 -21.42
CA GLU A 173 3.08 6.00 -22.64
C GLU A 173 4.55 6.15 -22.28
N ASN A 174 4.87 7.16 -21.49
CA ASN A 174 6.25 7.37 -21.06
C ASN A 174 6.86 6.19 -20.30
N GLY A 175 6.07 5.49 -19.48
CA GLY A 175 6.59 4.36 -18.72
C GLY A 175 6.19 3.01 -19.27
N LYS A 176 5.81 2.95 -20.59
CA LYS A 176 5.36 1.76 -21.34
C LYS A 176 6.12 0.47 -21.01
N GLU A 177 7.48 0.52 -21.06
CA GLU A 177 8.39 -0.61 -20.83
C GLU A 177 8.11 -1.36 -19.51
N THR A 178 7.65 -0.63 -18.47
CA THR A 178 7.27 -1.27 -17.21
C THR A 178 5.78 -1.18 -16.94
N LEU A 179 5.17 0.02 -17.08
CA LEU A 179 3.74 0.22 -16.79
C LEU A 179 2.81 -0.65 -17.64
N GLN A 180 3.16 -0.83 -18.92
CA GLN A 180 2.31 -1.64 -19.81
C GLN A 180 2.68 -3.14 -19.87
N ARG A 181 3.74 -3.53 -19.13
CA ARG A 181 4.20 -4.91 -19.06
C ARG A 181 3.55 -5.61 -17.86
N THR A 182 3.11 -6.89 -18.05
CA THR A 182 2.56 -7.71 -16.98
C THR A 182 3.60 -8.76 -16.65
N ASP A 183 3.84 -8.98 -15.33
CA ASP A 183 4.81 -9.97 -14.89
C ASP A 183 4.00 -11.14 -14.33
N ALA A 184 3.99 -12.25 -15.06
CA ALA A 184 3.22 -13.42 -14.65
C ALA A 184 3.88 -14.04 -13.41
N PRO A 185 3.11 -14.56 -12.45
CA PRO A 185 3.75 -15.13 -11.26
C PRO A 185 4.63 -16.33 -11.59
N LYS A 186 5.78 -16.43 -10.93
CA LYS A 186 6.69 -17.57 -11.03
C LYS A 186 6.19 -18.47 -9.89
N THR A 187 5.63 -19.63 -10.27
CA THR A 187 5.02 -20.54 -9.30
C THR A 187 5.81 -21.79 -9.04
N HIS A 188 5.67 -22.28 -7.81
CA HIS A 188 6.22 -23.54 -7.36
C HIS A 188 5.47 -23.99 -6.11
N MET A 189 5.65 -25.28 -5.78
CA MET A 189 5.05 -25.88 -4.60
CA MET A 189 5.04 -25.94 -4.63
C MET A 189 6.09 -26.47 -3.66
N THR A 190 5.89 -26.23 -2.35
CA THR A 190 6.76 -26.80 -1.32
C THR A 190 5.92 -27.80 -0.51
N HIS A 191 6.57 -28.78 0.11
CA HIS A 191 5.96 -29.81 0.92
C HIS A 191 6.70 -29.88 2.28
N HIS A 192 5.95 -29.86 3.37
CA HIS A 192 6.48 -29.93 4.75
C HIS A 192 5.73 -30.98 5.57
N ALA A 193 6.45 -32.02 6.04
CA ALA A 193 5.85 -33.04 6.91
C ALA A 193 5.72 -32.48 8.35
N VAL A 194 4.49 -32.39 8.88
CA VAL A 194 4.23 -31.92 10.25
C VAL A 194 4.48 -33.10 11.22
N SER A 195 3.88 -34.25 10.90
CA SER A 195 3.94 -35.51 11.61
C SER A 195 3.98 -36.65 10.57
N ASP A 196 3.87 -37.90 11.04
CA ASP A 196 3.88 -39.10 10.22
C ASP A 196 2.55 -39.23 9.41
N HIS A 197 1.49 -38.48 9.82
CA HIS A 197 0.18 -38.51 9.19
C HIS A 197 -0.32 -37.18 8.55
N GLU A 198 0.36 -36.07 8.82
CA GLU A 198 -0.09 -34.77 8.30
C GLU A 198 1.03 -34.05 7.56
N ALA A 199 0.71 -33.46 6.38
CA ALA A 199 1.65 -32.65 5.61
C ALA A 199 1.03 -31.33 5.19
N THR A 200 1.87 -30.34 4.95
CA THR A 200 1.45 -29.03 4.49
C THR A 200 1.97 -28.85 3.09
N LEU A 201 1.09 -28.49 2.17
CA LEU A 201 1.47 -28.17 0.80
C LEU A 201 1.37 -26.65 0.68
N ARG A 202 2.45 -26.01 0.18
CA ARG A 202 2.43 -24.56 0.07
C ARG A 202 2.63 -24.17 -1.38
N CYS A 203 1.74 -23.33 -1.88
CA CYS A 203 1.75 -22.89 -3.27
C CYS A 203 2.21 -21.45 -3.29
N TRP A 204 3.37 -21.19 -3.96
CA TRP A 204 4.00 -19.86 -4.02
C TRP A 204 3.79 -19.15 -5.34
N ALA A 205 3.52 -17.84 -5.29
CA ALA A 205 3.45 -17.03 -6.50
C ALA A 205 4.44 -15.92 -6.21
N LEU A 206 5.44 -15.77 -7.07
CA LEU A 206 6.50 -14.79 -6.84
C LEU A 206 6.73 -13.92 -8.06
N SER A 207 7.36 -12.72 -7.86
CA SER A 207 7.73 -11.77 -8.92
C SER A 207 6.59 -11.35 -9.86
N PHE A 208 5.37 -11.22 -9.33
CA PHE A 208 4.27 -10.82 -10.22
C PHE A 208 3.90 -9.35 -10.17
N TYR A 209 3.33 -8.86 -11.25
CA TYR A 209 2.90 -7.48 -11.43
C TYR A 209 1.78 -7.41 -12.44
N PRO A 210 0.59 -6.79 -12.17
CA PRO A 210 0.15 -6.11 -10.93
C PRO A 210 -0.05 -7.01 -9.70
N ALA A 211 -0.30 -6.41 -8.53
CA ALA A 211 -0.44 -7.10 -7.23
C ALA A 211 -1.65 -8.03 -7.19
N GLU A 212 -2.67 -7.73 -8.03
CA GLU A 212 -3.92 -8.49 -8.10
C GLU A 212 -3.66 -9.92 -8.57
N ILE A 213 -4.10 -10.89 -7.75
CA ILE A 213 -3.94 -12.33 -8.00
C ILE A 213 -4.91 -13.17 -7.15
N THR A 214 -5.20 -14.39 -7.63
CA THR A 214 -6.04 -15.36 -6.93
CA THR A 214 -6.00 -15.36 -6.90
C THR A 214 -5.34 -16.72 -6.88
N LEU A 215 -5.23 -17.29 -5.70
CA LEU A 215 -4.64 -18.60 -5.43
C LEU A 215 -5.73 -19.36 -4.76
N THR A 216 -6.08 -20.51 -5.31
CA THR A 216 -7.12 -21.34 -4.70
C THR A 216 -6.63 -22.77 -4.66
N TRP A 217 -7.14 -23.53 -3.72
CA TRP A 217 -6.80 -24.94 -3.62
C TRP A 217 -8.01 -25.73 -4.00
N GLN A 218 -7.78 -26.82 -4.71
CA GLN A 218 -8.88 -27.73 -5.00
C GLN A 218 -8.50 -29.13 -4.48
N ARG A 219 -9.48 -29.92 -4.06
CA ARG A 219 -9.27 -31.31 -3.66
C ARG A 219 -10.20 -32.10 -4.58
N ASP A 220 -9.62 -32.99 -5.42
CA ASP A 220 -10.34 -33.82 -6.41
C ASP A 220 -11.23 -32.96 -7.35
N GLY A 221 -10.70 -31.81 -7.79
CA GLY A 221 -11.40 -30.89 -8.69
C GLY A 221 -12.50 -30.06 -8.05
N GLU A 222 -12.54 -30.03 -6.73
CA GLU A 222 -13.52 -29.26 -5.97
CA GLU A 222 -13.54 -29.28 -5.96
C GLU A 222 -12.80 -28.29 -5.05
N ASP A 223 -13.28 -27.03 -4.99
CA ASP A 223 -12.70 -25.98 -4.17
C ASP A 223 -12.66 -26.34 -2.70
N GLN A 224 -11.49 -26.13 -2.09
CA GLN A 224 -11.23 -26.46 -0.69
C GLN A 224 -10.83 -25.17 0.07
N THR A 225 -11.53 -24.85 1.17
CA THR A 225 -11.23 -23.68 2.02
C THR A 225 -10.85 -24.08 3.43
N GLN A 226 -11.43 -25.19 3.92
CA GLN A 226 -11.12 -25.81 5.21
C GLN A 226 -9.65 -26.21 5.18
N ASP A 227 -8.95 -26.02 6.29
CA ASP A 227 -7.54 -26.37 6.46
C ASP A 227 -6.58 -25.64 5.50
N THR A 228 -6.98 -24.45 5.01
CA THR A 228 -6.13 -23.65 4.11
C THR A 228 -5.71 -22.39 4.80
N GLU A 229 -4.54 -21.88 4.46
CA GLU A 229 -4.01 -20.63 5.00
C GLU A 229 -3.48 -19.78 3.81
N LEU A 230 -3.89 -18.52 3.73
CA LEU A 230 -3.52 -17.62 2.64
C LEU A 230 -2.90 -16.32 3.22
N VAL A 231 -1.60 -16.03 2.91
CA VAL A 231 -0.99 -14.76 3.36
C VAL A 231 -1.47 -13.59 2.51
N GLU A 232 -1.46 -12.38 3.08
CA GLU A 232 -1.79 -11.13 2.41
C GLU A 232 -0.69 -10.91 1.34
N THR A 233 -1.08 -10.45 0.12
CA THR A 233 -0.13 -10.16 -0.98
C THR A 233 0.90 -9.15 -0.43
N ARG A 234 2.17 -9.39 -0.72
CA ARG A 234 3.18 -8.51 -0.13
C ARG A 234 4.19 -8.00 -1.15
N PRO A 235 4.78 -6.80 -0.93
CA PRO A 235 5.79 -6.30 -1.87
C PRO A 235 7.13 -7.02 -1.72
N ALA A 236 7.72 -7.41 -2.85
CA ALA A 236 9.06 -8.02 -2.86
C ALA A 236 10.13 -6.92 -2.57
N GLY A 237 9.85 -5.67 -2.96
CA GLY A 237 10.74 -4.52 -2.78
C GLY A 237 11.46 -4.10 -4.06
N ASP A 238 11.23 -4.84 -5.16
CA ASP A 238 11.81 -4.52 -6.48
C ASP A 238 10.68 -4.12 -7.46
N GLY A 239 9.52 -3.81 -6.91
CA GLY A 239 8.39 -3.42 -7.73
C GLY A 239 7.41 -4.54 -8.02
N THR A 240 7.77 -5.80 -7.68
CA THR A 240 6.89 -6.98 -7.84
C THR A 240 6.30 -7.42 -6.48
N PHE A 241 5.38 -8.37 -6.58
CA PHE A 241 4.60 -8.91 -5.46
C PHE A 241 4.75 -10.41 -5.26
N GLN A 242 4.44 -10.85 -4.02
CA GLN A 242 4.55 -12.22 -3.60
C GLN A 242 3.27 -12.60 -2.87
N LYS A 243 2.89 -13.89 -2.94
CA LYS A 243 1.77 -14.47 -2.19
C LYS A 243 1.94 -15.96 -2.12
N TRP A 244 1.42 -16.56 -1.06
CA TRP A 244 1.38 -18.01 -0.95
C TRP A 244 0.06 -18.44 -0.33
N VAL A 245 -0.33 -19.69 -0.62
CA VAL A 245 -1.51 -20.32 -0.06
C VAL A 245 -1.07 -21.74 0.34
N ALA A 246 -1.45 -22.16 1.56
CA ALA A 246 -1.11 -23.46 2.05
C ALA A 246 -2.37 -24.30 2.35
N VAL A 247 -2.25 -25.61 2.26
CA VAL A 247 -3.30 -26.54 2.63
C VAL A 247 -2.66 -27.65 3.51
N VAL A 248 -3.37 -28.06 4.55
CA VAL A 248 -2.98 -29.17 5.41
C VAL A 248 -3.67 -30.40 4.83
N VAL A 249 -2.89 -31.44 4.50
CA VAL A 249 -3.38 -32.65 3.89
C VAL A 249 -2.94 -33.94 4.66
N PRO A 250 -3.69 -35.05 4.55
CA PRO A 250 -3.23 -36.31 5.12
C PRO A 250 -2.03 -36.80 4.32
N SER A 251 -0.93 -37.15 4.99
CA SER A 251 0.29 -37.67 4.37
C SER A 251 -0.05 -38.86 3.42
N GLY A 252 0.39 -38.75 2.16
CA GLY A 252 0.16 -39.75 1.12
C GLY A 252 -0.96 -39.40 0.15
N GLN A 253 -1.76 -38.35 0.46
CA GLN A 253 -2.90 -37.91 -0.35
C GLN A 253 -2.59 -36.61 -1.10
N GLU A 254 -1.32 -36.20 -1.12
CA GLU A 254 -0.87 -34.95 -1.76
C GLU A 254 -1.37 -34.82 -3.20
N GLN A 255 -1.44 -35.93 -3.95
CA GLN A 255 -1.87 -35.89 -5.35
C GLN A 255 -3.32 -35.49 -5.64
N ARG A 256 -4.23 -35.54 -4.64
CA ARG A 256 -5.62 -35.10 -4.81
C ARG A 256 -5.72 -33.58 -4.86
N TYR A 257 -4.68 -32.89 -4.38
CA TYR A 257 -4.68 -31.45 -4.22
C TYR A 257 -4.03 -30.66 -5.34
N THR A 258 -4.72 -29.62 -5.80
CA THR A 258 -4.15 -28.80 -6.89
C THR A 258 -4.29 -27.38 -6.52
N CYS A 259 -3.28 -26.61 -6.85
CA CYS A 259 -3.32 -25.18 -6.59
C CYS A 259 -3.63 -24.48 -7.92
N HIS A 260 -4.51 -23.49 -7.89
CA HIS A 260 -4.97 -22.76 -9.09
C HIS A 260 -4.60 -21.29 -9.06
N VAL A 261 -3.95 -20.81 -10.12
CA VAL A 261 -3.43 -19.42 -10.14
C VAL A 261 -4.08 -18.57 -11.21
N GLN A 262 -4.68 -17.47 -10.80
CA GLN A 262 -5.27 -16.52 -11.76
C GLN A 262 -4.51 -15.21 -11.64
N HIS A 263 -4.12 -14.63 -12.78
CA HIS A 263 -3.39 -13.37 -12.82
C HIS A 263 -3.51 -12.79 -14.23
N GLU A 264 -3.47 -11.45 -14.38
CA GLU A 264 -3.54 -10.70 -15.64
C GLU A 264 -2.46 -11.14 -16.63
N GLY A 265 -1.30 -11.54 -16.09
CA GLY A 265 -0.14 -11.97 -16.86
C GLY A 265 -0.22 -13.37 -17.42
N LEU A 266 -1.28 -14.13 -17.04
CA LEU A 266 -1.49 -15.51 -17.48
C LEU A 266 -2.70 -15.57 -18.43
N PRO A 267 -2.47 -15.85 -19.73
CA PRO A 267 -3.61 -16.00 -20.67
C PRO A 267 -4.67 -16.99 -20.17
N LYS A 268 -4.23 -18.14 -19.62
CA LYS A 268 -5.07 -19.19 -19.03
C LYS A 268 -4.64 -19.46 -17.56
N PRO A 269 -5.58 -19.65 -16.58
CA PRO A 269 -5.16 -20.00 -15.22
C PRO A 269 -4.25 -21.23 -15.16
N LEU A 270 -3.28 -21.17 -14.25
CA LEU A 270 -2.26 -22.18 -14.01
C LEU A 270 -2.71 -23.17 -12.94
N THR A 271 -2.35 -24.43 -13.10
CA THR A 271 -2.63 -25.50 -12.13
C THR A 271 -1.28 -26.09 -11.73
N LEU A 272 -1.05 -26.24 -10.42
CA LEU A 272 0.17 -26.84 -9.87
C LEU A 272 -0.24 -28.06 -9.07
N ARG A 273 0.62 -29.09 -9.09
CA ARG A 273 0.43 -30.34 -8.37
C ARG A 273 1.73 -30.73 -7.71
N TRP A 274 1.66 -31.45 -6.58
CA TRP A 274 2.84 -31.97 -5.89
C TRP A 274 3.26 -33.25 -6.61
N ILE B 2 -9.52 5.53 17.18
CA ILE B 2 -9.31 4.18 16.64
C ILE B 2 -7.88 3.72 16.85
N GLN B 3 -7.70 2.40 17.04
CA GLN B 3 -6.37 1.82 17.19
C GLN B 3 -6.29 0.43 16.61
N ARG B 4 -5.59 0.30 15.49
CA ARG B 4 -5.45 -0.95 14.78
C ARG B 4 -4.04 -1.46 14.92
N THR B 5 -3.89 -2.74 15.37
CA THR B 5 -2.58 -3.39 15.58
CA THR B 5 -2.57 -3.34 15.57
C THR B 5 -1.93 -3.78 14.24
N PRO B 6 -0.60 -3.64 14.06
CA PRO B 6 -0.03 -4.04 12.76
C PRO B 6 0.01 -5.53 12.50
N LYS B 7 -0.20 -5.93 11.25
CA LYS B 7 -0.01 -7.31 10.81
C LYS B 7 1.47 -7.28 10.37
N ILE B 8 2.19 -8.39 10.52
CA ILE B 8 3.63 -8.40 10.25
C ILE B 8 3.99 -9.63 9.44
N GLN B 9 4.80 -9.44 8.40
CA GLN B 9 5.40 -10.52 7.60
C GLN B 9 6.90 -10.21 7.48
N VAL B 10 7.76 -11.24 7.64
CA VAL B 10 9.22 -11.17 7.52
C VAL B 10 9.57 -12.20 6.46
N TYR B 11 10.31 -11.81 5.42
CA TYR B 11 10.59 -12.65 4.26
C TYR B 11 11.69 -12.02 3.44
N SER B 12 12.26 -12.80 2.51
CA SER B 12 13.31 -12.31 1.60
C SER B 12 12.70 -11.83 0.30
N ARG B 13 13.39 -10.86 -0.35
CA ARG B 13 12.99 -10.33 -1.66
C ARG B 13 13.08 -11.42 -2.75
N HIS B 14 14.14 -12.26 -2.68
CA HIS B 14 14.47 -13.31 -3.65
C HIS B 14 14.53 -14.67 -2.98
N PRO B 15 14.35 -15.79 -3.72
CA PRO B 15 14.44 -17.11 -3.07
C PRO B 15 15.74 -17.25 -2.25
N ALA B 16 15.60 -17.68 -0.98
CA ALA B 16 16.72 -17.79 -0.06
C ALA B 16 17.66 -18.94 -0.40
N GLU B 17 18.92 -18.59 -0.61
CA GLU B 17 19.98 -19.55 -0.90
C GLU B 17 21.16 -19.11 -0.06
N ASN B 18 21.60 -20.01 0.87
CA ASN B 18 22.69 -19.76 1.81
C ASN B 18 23.96 -19.38 1.06
N GLY B 19 24.58 -18.29 1.48
CA GLY B 19 25.79 -17.79 0.85
C GLY B 19 25.56 -16.78 -0.25
N LYS B 20 24.29 -16.61 -0.71
CA LYS B 20 23.95 -15.65 -1.78
C LYS B 20 23.26 -14.36 -1.29
N SER B 21 23.74 -13.21 -1.79
CA SER B 21 23.30 -11.84 -1.54
C SER B 21 21.78 -11.71 -1.81
N ASN B 22 21.05 -11.09 -0.87
CA ASN B 22 19.59 -11.00 -0.93
C ASN B 22 19.09 -9.79 -0.09
N PHE B 23 17.77 -9.67 0.08
CA PHE B 23 17.18 -8.54 0.83
C PHE B 23 16.16 -9.07 1.82
N LEU B 24 16.32 -8.70 3.10
CA LEU B 24 15.38 -9.10 4.16
C LEU B 24 14.33 -8.00 4.30
N ASN B 25 13.08 -8.41 4.25
CA ASN B 25 11.97 -7.50 4.31
C ASN B 25 11.13 -7.67 5.56
N CYS B 26 10.58 -6.57 6.06
CA CYS B 26 9.59 -6.59 7.12
C CYS B 26 8.43 -5.68 6.68
N TYR B 27 7.34 -6.33 6.28
CA TYR B 27 6.13 -5.67 5.83
C TYR B 27 5.17 -5.53 7.01
N VAL B 28 4.83 -4.28 7.31
CA VAL B 28 3.91 -3.91 8.38
C VAL B 28 2.70 -3.27 7.76
N SER B 29 1.50 -3.81 8.08
CA SER B 29 0.28 -3.28 7.48
C SER B 29 -0.91 -3.31 8.44
N GLY B 30 -2.01 -2.67 8.04
CA GLY B 30 -3.24 -2.68 8.81
C GLY B 30 -3.23 -1.97 10.14
N PHE B 31 -2.29 -1.03 10.33
CA PHE B 31 -2.14 -0.32 11.58
C PHE B 31 -2.62 1.13 11.53
N HIS B 32 -3.04 1.61 12.68
CA HIS B 32 -3.46 2.99 12.87
C HIS B 32 -3.26 3.32 14.38
N PRO B 33 -2.65 4.47 14.78
CA PRO B 33 -2.07 5.55 13.95
C PRO B 33 -0.74 5.13 13.28
N SER B 34 -0.18 6.03 12.47
CA SER B 34 1.00 5.81 11.62
C SER B 34 2.32 5.66 12.32
N ASP B 35 2.47 6.23 13.56
CA ASP B 35 3.73 6.12 14.35
C ASP B 35 4.04 4.66 14.68
N ILE B 36 5.20 4.15 14.25
CA ILE B 36 5.54 2.74 14.50
C ILE B 36 7.08 2.62 14.60
N GLU B 37 7.57 1.62 15.35
CA GLU B 37 9.01 1.38 15.48
C GLU B 37 9.29 0.01 14.90
N VAL B 38 10.09 -0.04 13.83
CA VAL B 38 10.40 -1.31 13.15
C VAL B 38 11.90 -1.49 13.07
N ASP B 39 12.37 -2.64 13.55
CA ASP B 39 13.79 -2.96 13.49
C ASP B 39 13.94 -4.33 12.94
N LEU B 40 14.98 -4.52 12.13
CA LEU B 40 15.35 -5.82 11.62
C LEU B 40 16.49 -6.30 12.51
N LEU B 41 16.42 -7.55 12.95
CA LEU B 41 17.42 -8.15 13.87
C LEU B 41 18.22 -9.29 13.24
N LYS B 42 19.53 -9.31 13.53
CA LYS B 42 20.44 -10.36 13.12
C LYS B 42 21.01 -10.92 14.40
N ASN B 43 20.61 -12.14 14.75
CA ASN B 43 21.01 -12.83 15.97
C ASN B 43 20.64 -12.01 17.23
N GLY B 44 19.44 -11.41 17.21
CA GLY B 44 18.89 -10.59 18.29
C GLY B 44 19.45 -9.18 18.37
N GLU B 45 20.35 -8.82 17.45
CA GLU B 45 21.00 -7.50 17.39
C GLU B 45 20.41 -6.63 16.27
N ARG B 46 19.99 -5.40 16.59
CA ARG B 46 19.42 -4.42 15.65
C ARG B 46 20.37 -4.18 14.48
N ILE B 47 19.87 -4.34 13.22
CA ILE B 47 20.65 -4.10 12.00
C ILE B 47 20.64 -2.59 11.76
N GLU B 48 21.82 -2.00 11.59
CA GLU B 48 22.03 -0.56 11.42
C GLU B 48 21.50 0.09 10.15
N LYS B 49 21.83 -0.42 8.97
CA LYS B 49 21.40 0.28 7.75
C LYS B 49 20.10 -0.32 7.15
N VAL B 50 18.96 0.10 7.72
CA VAL B 50 17.61 -0.33 7.31
C VAL B 50 16.89 0.88 6.67
N GLU B 51 16.34 0.68 5.46
CA GLU B 51 15.55 1.67 4.74
C GLU B 51 14.07 1.21 4.79
N HIS B 52 13.17 2.14 4.54
CA HIS B 52 11.74 1.89 4.50
C HIS B 52 11.10 2.69 3.40
N SER B 53 9.97 2.16 2.87
CA SER B 53 9.14 2.79 1.85
C SER B 53 8.45 4.03 2.42
N ASP B 54 7.87 4.85 1.52
CA ASP B 54 7.13 6.05 1.91
C ASP B 54 5.75 5.68 2.46
N LEU B 55 5.39 6.26 3.61
CA LEU B 55 4.10 6.01 4.24
C LEU B 55 2.90 6.07 3.29
N SER B 56 2.14 4.99 3.22
CA SER B 56 0.95 4.91 2.37
C SER B 56 -0.12 4.12 3.10
N PHE B 57 -1.36 4.11 2.56
CA PHE B 57 -2.49 3.48 3.22
C PHE B 57 -3.44 2.81 2.21
N SER B 58 -4.19 1.84 2.73
CA SER B 58 -5.16 1.06 1.99
CA SER B 58 -5.16 1.06 1.99
C SER B 58 -6.51 1.77 2.01
N LYS B 59 -7.50 1.24 1.26
CA LYS B 59 -8.88 1.73 1.13
C LYS B 59 -9.54 1.98 2.50
N ASP B 60 -9.31 1.07 3.49
CA ASP B 60 -9.87 1.17 4.85
C ASP B 60 -9.12 2.18 5.76
N TRP B 61 -8.16 2.99 5.16
CA TRP B 61 -7.34 4.02 5.82
C TRP B 61 -6.16 3.52 6.64
N SER B 62 -6.01 2.19 6.82
CA SER B 62 -4.91 1.64 7.60
C SER B 62 -3.58 1.71 6.81
N PHE B 63 -2.50 2.01 7.53
CA PHE B 63 -1.16 2.25 6.99
C PHE B 63 -0.39 1.02 6.66
N TYR B 64 0.57 1.17 5.75
CA TYR B 64 1.49 0.08 5.47
C TYR B 64 2.85 0.64 5.17
N LEU B 65 3.91 -0.12 5.54
CA LEU B 65 5.28 0.27 5.30
C LEU B 65 6.08 -0.99 5.02
N LEU B 66 7.11 -0.86 4.20
CA LEU B 66 8.04 -1.95 3.97
C LEU B 66 9.40 -1.52 4.49
N TYR B 67 9.96 -2.28 5.43
CA TYR B 67 11.31 -2.02 5.90
C TYR B 67 12.21 -3.09 5.29
N TYR B 68 13.40 -2.70 4.85
CA TYR B 68 14.30 -3.62 4.17
C TYR B 68 15.76 -3.28 4.29
N THR B 69 16.60 -4.32 4.15
CA THR B 69 18.05 -4.21 4.16
C THR B 69 18.65 -5.38 3.40
N GLU B 70 19.88 -5.20 2.92
CA GLU B 70 20.64 -6.25 2.24
C GLU B 70 21.09 -7.27 3.28
N PHE B 71 21.07 -8.54 2.90
CA PHE B 71 21.47 -9.62 3.77
C PHE B 71 21.95 -10.85 2.99
N THR B 72 22.70 -11.70 3.68
CA THR B 72 23.19 -12.95 3.11
C THR B 72 22.76 -14.02 4.09
N PRO B 73 21.72 -14.79 3.74
CA PRO B 73 21.27 -15.84 4.66
C PRO B 73 22.30 -16.97 4.75
N THR B 74 22.36 -17.62 5.92
CA THR B 74 23.23 -18.76 6.24
C THR B 74 22.39 -19.72 7.09
N GLU B 75 22.96 -20.90 7.40
CA GLU B 75 22.33 -21.91 8.26
C GLU B 75 22.27 -21.40 9.71
N LYS B 76 23.42 -20.97 10.28
CA LYS B 76 23.52 -20.51 11.67
C LYS B 76 22.75 -19.21 12.02
N ASP B 77 22.87 -18.16 11.18
CA ASP B 77 22.27 -16.84 11.43
C ASP B 77 20.75 -16.82 11.53
N GLU B 78 20.24 -16.25 12.64
CA GLU B 78 18.81 -16.09 12.88
C GLU B 78 18.43 -14.63 12.52
N TYR B 79 17.37 -14.46 11.71
CA TYR B 79 16.92 -13.14 11.31
C TYR B 79 15.52 -12.92 11.81
N ALA B 80 15.18 -11.66 12.14
CA ALA B 80 13.85 -11.31 12.68
C ALA B 80 13.51 -9.86 12.50
N CYS B 81 12.24 -9.51 12.78
CA CYS B 81 11.76 -8.13 12.74
CA CYS B 81 11.87 -8.12 12.81
C CYS B 81 11.10 -7.80 14.07
N ARG B 82 11.46 -6.68 14.67
CA ARG B 82 10.92 -6.23 15.94
C ARG B 82 10.02 -5.05 15.70
N VAL B 83 8.76 -5.17 16.11
CA VAL B 83 7.80 -4.09 15.90
C VAL B 83 7.25 -3.53 17.22
N ASN B 84 7.22 -2.19 17.33
CA ASN B 84 6.54 -1.55 18.43
C ASN B 84 5.56 -0.52 17.87
N HIS B 85 4.40 -0.44 18.50
CA HIS B 85 3.29 0.41 18.13
C HIS B 85 2.47 0.66 19.40
N VAL B 86 1.78 1.81 19.48
CA VAL B 86 0.91 2.18 20.60
C VAL B 86 -0.02 1.01 21.06
N THR B 87 -0.61 0.27 20.12
CA THR B 87 -1.50 -0.88 20.36
C THR B 87 -0.80 -2.06 21.02
N LEU B 88 0.53 -2.08 21.05
CA LEU B 88 1.31 -3.18 21.64
C LEU B 88 1.92 -2.81 23.01
N SER B 89 1.71 -3.68 24.01
CA SER B 89 2.25 -3.54 25.39
C SER B 89 3.76 -3.74 25.38
N GLN B 90 4.23 -4.77 24.62
CA GLN B 90 5.64 -5.15 24.48
CA GLN B 90 5.65 -5.06 24.47
C GLN B 90 6.03 -5.26 22.98
N PRO B 91 7.29 -4.90 22.55
CA PRO B 91 7.65 -5.11 21.14
C PRO B 91 7.37 -6.54 20.66
N LYS B 92 6.83 -6.68 19.44
CA LYS B 92 6.52 -7.98 18.87
C LYS B 92 7.65 -8.42 17.93
N ILE B 93 8.17 -9.62 18.18
CA ILE B 93 9.26 -10.20 17.40
C ILE B 93 8.72 -11.32 16.52
N VAL B 94 8.97 -11.21 15.21
CA VAL B 94 8.56 -12.21 14.22
C VAL B 94 9.87 -12.69 13.59
N LYS B 95 10.15 -13.98 13.70
CA LYS B 95 11.39 -14.53 13.15
C LYS B 95 11.26 -14.81 11.66
N TRP B 96 12.37 -14.65 10.93
CA TRP B 96 12.38 -15.00 9.53
C TRP B 96 12.46 -16.55 9.40
N ASP B 97 11.59 -17.09 8.58
CA ASP B 97 11.48 -18.50 8.27
C ASP B 97 11.49 -18.53 6.75
N ARG B 98 12.48 -19.21 6.15
CA ARG B 98 12.63 -19.30 4.69
C ARG B 98 11.45 -20.02 3.99
N ASP B 99 10.63 -20.74 4.77
CA ASP B 99 9.44 -21.45 4.29
C ASP B 99 8.14 -20.70 4.73
N MET B 100 8.09 -20.26 6.03
CA MET B 100 7.06 -19.53 6.80
C MET B 100 5.70 -20.18 7.11
N GLY C 1 -0.04 13.95 -12.28
CA GLY C 1 -0.08 15.34 -11.84
C GLY C 1 -1.20 15.57 -10.84
N ILE C 2 -0.87 16.21 -9.71
CA ILE C 2 -1.82 16.44 -8.63
C ILE C 2 -2.82 17.57 -8.92
N LEU C 3 -3.90 17.58 -8.13
CA LEU C 3 -4.97 18.58 -8.12
C LEU C 3 -4.38 19.99 -7.85
N GLY C 4 -4.72 20.96 -8.67
CA GLY C 4 -4.25 22.34 -8.48
C GLY C 4 -5.12 23.15 -7.55
N LEU C 5 -6.32 22.65 -7.23
CA LEU C 5 -7.30 23.33 -6.36
C LEU C 5 -7.62 22.52 -5.11
N VAL C 6 -7.13 22.97 -3.96
CA VAL C 6 -7.40 22.32 -2.65
C VAL C 6 -8.40 23.18 -1.87
N PHE C 7 -9.37 22.53 -1.24
CA PHE C 7 -10.37 23.26 -0.47
C PHE C 7 -10.28 22.83 0.96
N THR C 8 -10.43 23.77 1.89
CA THR C 8 -10.39 23.40 3.28
C THR C 8 -11.74 22.84 3.71
N LEU C 9 -11.68 21.91 4.69
CA LEU C 9 -12.81 21.26 5.36
C LEU C 9 -13.66 22.30 6.14
#